data_8X3S
#
_entry.id   8X3S
#
_cell.length_a   46.460
_cell.length_b   63.750
_cell.length_c   92.840
_cell.angle_alpha   90.00
_cell.angle_beta   90.00
_cell.angle_gamma   90.00
#
_symmetry.space_group_name_H-M   'P 21 21 21'
#
loop_
_entity.id
_entity.type
_entity.pdbx_description
1 polymer 'WD repeat-containing protein 5'
2 polymer 'Phosphatidylinositol 3,4,5-trisphosphate 3-phosphatase and dual-specificity protein phosphatase PTEN'
3 water water
#
loop_
_entity_poly.entity_id
_entity_poly.type
_entity_poly.pdbx_seq_one_letter_code
_entity_poly.pdbx_strand_id
1 'polypeptide(L)'
;SSATQSKPTPVKPNYALKFTLAGHTKAVSSVKFSPNGEWLASSSADKLIKIWGAYDGKFEKTISGHKLGISDVAWSSDSN
LLVSASDDKTLKIWDVSSGKCLKTLKGHSNYVFCCNFNPQSNLIVSGSFDESVRIWDVKTGKCLKTLPAHSDPVSAVHFN
RDGSLIVSSSYDGLCRIWDTASGQCLKTLIDDDNPPVSFVKFSPNGKYILAATLDNTLKLWDYSKGKCLKTYTGHKNEKY
CIFANFSVTGGKWIVSGSEDNLVYIWNLQTKEIVQKLQGHTDVVISTACHPTENIIASAALENDKTIKLWKSDC
;
A
2 'polypeptide(L)' SSSRRSSHYPAAVQSQAAAERGASATAKSRAISI B
#
# COMPACT_ATOMS: atom_id res chain seq x y z
N PRO A 8 3.08 28.85 -10.38
CA PRO A 8 3.60 27.64 -9.74
C PRO A 8 2.70 26.41 -9.84
N THR A 9 1.45 26.53 -10.30
CA THR A 9 0.60 25.34 -10.42
C THR A 9 1.21 24.52 -11.55
N PRO A 10 1.55 23.25 -11.34
CA PRO A 10 2.14 22.47 -12.43
C PRO A 10 1.15 22.11 -13.52
N VAL A 11 1.71 21.52 -14.58
CA VAL A 11 0.97 21.11 -15.76
C VAL A 11 1.17 19.62 -16.05
N LYS A 12 2.38 19.12 -15.78
CA LYS A 12 2.74 17.72 -15.92
C LYS A 12 3.96 17.54 -15.03
N PRO A 13 4.21 16.35 -14.49
CA PRO A 13 5.52 16.10 -13.90
C PRO A 13 6.55 15.72 -14.95
N ASN A 14 7.79 15.59 -14.48
CA ASN A 14 8.91 15.17 -15.30
C ASN A 14 9.74 14.18 -14.49
N TYR A 15 9.07 13.18 -13.91
CA TYR A 15 9.78 12.13 -13.19
C TYR A 15 10.82 11.49 -14.07
N ALA A 16 12.03 11.38 -13.52
CA ALA A 16 13.16 10.75 -14.19
C ALA A 16 13.83 9.78 -13.24
N LEU A 17 14.35 8.70 -13.80
CA LEU A 17 14.96 7.64 -13.01
C LEU A 17 16.26 8.12 -12.40
N LYS A 18 16.39 7.95 -11.07
CA LYS A 18 17.63 8.33 -10.39
C LYS A 18 18.39 7.13 -9.87
N PHE A 19 17.69 6.12 -9.33
CA PHE A 19 18.36 4.96 -8.77
C PHE A 19 17.55 3.70 -9.03
N THR A 20 18.27 2.59 -9.15
CA THR A 20 17.69 1.26 -9.19
C THR A 20 18.26 0.47 -8.02
N LEU A 21 17.39 -0.09 -7.20
CA LEU A 21 17.77 -0.75 -5.95
C LEU A 21 17.57 -2.24 -6.11
N ALA A 22 18.69 -2.96 -6.19
CA ALA A 22 18.68 -4.42 -6.30
C ALA A 22 19.14 -5.03 -4.98
N GLY A 23 18.73 -6.26 -4.72
CA GLY A 23 19.09 -6.94 -3.46
C GLY A 23 18.09 -8.02 -3.14
N HIS A 24 16.81 -7.72 -3.33
CA HIS A 24 15.76 -8.74 -3.08
C HIS A 24 16.02 -9.91 -4.03
N THR A 25 15.73 -11.11 -3.58
CA THR A 25 16.00 -12.31 -4.34
C THR A 25 14.72 -12.94 -4.85
N LYS A 26 13.57 -12.37 -4.50
CA LYS A 26 12.32 -12.79 -5.09
C LYS A 26 11.52 -11.52 -5.40
N ALA A 27 10.31 -11.71 -5.90
CA ALA A 27 9.48 -10.56 -6.26
C ALA A 27 9.40 -9.60 -5.08
N VAL A 28 9.45 -8.30 -5.38
CA VAL A 28 9.11 -7.29 -4.39
C VAL A 28 7.60 -7.23 -4.28
N SER A 29 7.09 -6.97 -3.07
CA SER A 29 5.65 -6.87 -2.86
C SER A 29 5.16 -5.47 -2.51
N SER A 30 5.93 -4.69 -1.78
CA SER A 30 5.45 -3.41 -1.29
C SER A 30 6.61 -2.50 -0.94
N VAL A 31 6.54 -1.24 -1.37
CA VAL A 31 7.48 -0.21 -0.96
C VAL A 31 6.72 0.92 -0.28
N LYS A 32 7.32 1.51 0.75
CA LYS A 32 6.70 2.58 1.53
C LYS A 32 7.78 3.52 2.04
N PHE A 33 7.54 4.83 1.92
CA PHE A 33 8.44 5.81 2.49
C PHE A 33 8.11 6.03 3.96
N SER A 34 9.14 6.19 4.78
CA SER A 34 8.92 6.55 6.18
C SER A 34 8.31 7.95 6.26
N PRO A 35 7.46 8.20 7.25
CA PRO A 35 6.86 9.53 7.38
C PRO A 35 7.88 10.66 7.50
N ASN A 36 9.03 10.42 8.11
CA ASN A 36 10.05 11.48 8.23
C ASN A 36 10.86 11.67 6.96
N GLY A 37 10.56 10.91 5.90
CA GLY A 37 11.14 11.10 4.59
C GLY A 37 12.51 10.48 4.38
N GLU A 38 13.13 9.96 5.43
CA GLU A 38 14.52 9.56 5.34
C GLU A 38 14.69 8.21 4.63
N TRP A 39 13.71 7.34 4.76
CA TRP A 39 13.86 5.94 4.37
C TRP A 39 12.77 5.48 3.44
N LEU A 40 13.14 4.45 2.68
CA LEU A 40 12.20 3.58 1.99
C LEU A 40 12.33 2.18 2.60
N ALA A 41 11.19 1.57 2.91
CA ALA A 41 11.13 0.18 3.29
C ALA A 41 10.51 -0.62 2.15
N SER A 42 11.06 -1.81 1.91
CA SER A 42 10.52 -2.71 0.92
C SER A 42 10.30 -4.07 1.57
N SER A 43 9.28 -4.77 1.09
CA SER A 43 9.02 -6.15 1.49
C SER A 43 9.07 -7.00 0.23
N SER A 44 9.25 -8.30 0.44
CA SER A 44 9.42 -9.19 -0.69
C SER A 44 8.97 -10.60 -0.37
N ALA A 45 8.67 -11.35 -1.44
CA ALA A 45 8.46 -12.79 -1.35
C ALA A 45 9.68 -13.51 -0.81
N ASP A 46 10.85 -12.87 -0.78
CA ASP A 46 12.03 -13.49 -0.20
C ASP A 46 12.03 -13.46 1.32
N LYS A 47 10.93 -13.05 1.95
CA LYS A 47 10.75 -13.09 3.41
C LYS A 47 11.47 -11.95 4.13
N LEU A 48 12.02 -10.99 3.41
CA LEU A 48 12.86 -9.96 4.00
C LEU A 48 12.24 -8.59 3.84
N ILE A 49 12.56 -7.70 4.79
CA ILE A 49 12.36 -6.27 4.65
C ILE A 49 13.73 -5.65 4.41
N LYS A 50 13.82 -4.73 3.48
CA LYS A 50 15.06 -4.01 3.31
C LYS A 50 14.78 -2.53 3.48
N ILE A 51 15.74 -1.84 4.07
CA ILE A 51 15.64 -0.42 4.33
C ILE A 51 16.73 0.24 3.49
N TRP A 52 16.34 1.32 2.81
CA TRP A 52 17.18 2.03 1.85
C TRP A 52 17.08 3.53 2.10
N GLY A 53 18.16 4.24 1.82
CA GLY A 53 18.12 5.69 1.92
C GLY A 53 17.24 6.27 0.81
N ALA A 54 16.33 7.16 1.20
CA ALA A 54 15.32 7.63 0.26
C ALA A 54 15.93 8.53 -0.81
N TYR A 55 17.01 9.24 -0.47
CA TYR A 55 17.61 10.24 -1.33
C TYR A 55 18.77 9.73 -2.18
N ASP A 56 19.56 8.75 -1.71
CA ASP A 56 20.69 8.27 -2.49
C ASP A 56 20.59 6.79 -2.85
N GLY A 57 19.47 6.14 -2.52
CA GLY A 57 19.31 4.73 -2.81
C GLY A 57 20.17 3.81 -1.99
N LYS A 58 20.87 4.34 -0.98
CA LYS A 58 21.86 3.56 -0.26
C LYS A 58 21.23 2.44 0.54
N PHE A 59 21.66 1.20 0.32
CA PHE A 59 21.15 0.09 1.11
C PHE A 59 21.51 0.32 2.57
N GLU A 60 20.55 0.17 3.47
CA GLU A 60 20.79 0.40 4.88
C GLU A 60 20.85 -0.92 5.63
N LYS A 61 19.79 -1.73 5.52
CA LYS A 61 19.87 -2.97 6.29
C LYS A 61 18.80 -3.94 5.81
N THR A 62 18.98 -5.21 6.19
CA THR A 62 17.98 -6.25 6.00
C THR A 62 17.39 -6.62 7.35
N ILE A 63 16.07 -6.75 7.38
CA ILE A 63 15.28 -7.14 8.54
C ILE A 63 14.64 -8.49 8.24
N SER A 64 14.89 -9.48 9.09
CA SER A 64 14.53 -10.87 8.82
C SER A 64 13.81 -11.46 10.03
N GLY A 65 13.01 -12.49 9.77
CA GLY A 65 12.37 -13.24 10.83
C GLY A 65 11.08 -13.94 10.41
N HIS A 66 10.35 -13.39 9.46
CA HIS A 66 9.18 -14.12 8.97
C HIS A 66 9.62 -15.45 8.36
N LYS A 67 8.74 -16.45 8.42
CA LYS A 67 9.10 -17.79 7.90
C LYS A 67 8.59 -17.96 6.46
N LEU A 68 7.73 -17.07 6.02
CA LEU A 68 7.29 -17.13 4.64
C LEU A 68 7.31 -15.70 4.10
N GLY A 69 6.95 -15.58 2.82
CA GLY A 69 7.02 -14.31 2.12
C GLY A 69 6.15 -13.24 2.76
N ILE A 70 6.50 -11.98 2.47
CA ILE A 70 5.82 -10.82 3.00
C ILE A 70 5.08 -10.11 1.86
N SER A 71 3.82 -9.75 2.11
CA SER A 71 3.01 -9.03 1.13
C SER A 71 2.95 -7.52 1.35
N ASP A 72 3.18 -7.03 2.56
CA ASP A 72 2.96 -5.61 2.85
C ASP A 72 3.82 -5.22 4.05
N VAL A 73 4.20 -3.93 4.09
CA VAL A 73 4.90 -3.34 5.23
C VAL A 73 4.38 -1.93 5.41
N ALA A 74 4.37 -1.45 6.65
CA ALA A 74 3.89 -0.10 6.93
C ALA A 74 4.66 0.50 8.10
N TRP A 75 4.81 1.82 8.08
CA TRP A 75 5.55 2.59 9.06
C TRP A 75 4.65 3.17 10.15
N SER A 76 5.21 3.30 11.35
CA SER A 76 4.60 4.09 12.40
C SER A 76 4.81 5.58 12.12
N SER A 77 4.02 6.42 12.79
CA SER A 77 4.03 7.85 12.48
C SER A 77 5.39 8.48 12.77
N ASP A 78 6.12 7.97 13.75
CA ASP A 78 7.40 8.51 14.14
C ASP A 78 8.58 7.87 13.41
N SER A 79 8.33 7.01 12.42
CA SER A 79 9.35 6.37 11.59
C SER A 79 10.23 5.38 12.34
N ASN A 80 9.85 4.99 13.56
CA ASN A 80 10.70 4.10 14.35
C ASN A 80 10.27 2.65 14.26
N LEU A 81 9.04 2.38 13.87
CA LEU A 81 8.54 1.03 13.79
C LEU A 81 8.09 0.69 12.39
N LEU A 82 8.13 -0.60 12.09
CA LEU A 82 7.51 -1.14 10.90
C LEU A 82 6.56 -2.23 11.34
N VAL A 83 5.51 -2.45 10.57
CA VAL A 83 4.70 -3.65 10.70
C VAL A 83 4.75 -4.32 9.35
N SER A 84 4.84 -5.64 9.36
CA SER A 84 4.85 -6.41 8.13
C SER A 84 3.77 -7.46 8.22
N ALA A 85 3.21 -7.80 7.06
CA ALA A 85 2.15 -8.79 6.91
C ALA A 85 2.69 -9.91 6.04
N SER A 86 2.60 -11.14 6.53
CA SER A 86 3.25 -12.28 5.91
C SER A 86 2.31 -13.44 5.63
N ASP A 87 2.73 -14.27 4.67
CA ASP A 87 2.09 -15.54 4.37
C ASP A 87 2.19 -16.54 5.52
N ASP A 88 3.06 -16.29 6.48
CA ASP A 88 3.14 -17.15 7.67
C ASP A 88 1.97 -16.94 8.66
N LYS A 89 0.96 -16.15 8.28
CA LYS A 89 -0.28 -15.95 9.01
C LYS A 89 -0.10 -14.97 10.15
N THR A 90 1.08 -14.34 10.26
CA THR A 90 1.35 -13.39 11.32
C THR A 90 1.63 -12.02 10.74
N LEU A 91 1.53 -11.01 11.59
CA LEU A 91 2.23 -9.75 11.37
C LEU A 91 3.38 -9.65 12.36
N LYS A 92 4.39 -8.87 12.01
CA LYS A 92 5.44 -8.58 12.96
C LYS A 92 5.68 -7.09 13.07
N ILE A 93 5.88 -6.63 14.31
CA ILE A 93 6.27 -5.26 14.60
C ILE A 93 7.76 -5.28 14.85
N TRP A 94 8.46 -4.37 14.17
CA TRP A 94 9.91 -4.29 14.08
C TRP A 94 10.38 -2.93 14.56
N ASP A 95 11.48 -2.95 15.32
CA ASP A 95 12.25 -1.75 15.63
C ASP A 95 13.21 -1.48 14.48
N VAL A 96 12.98 -0.38 13.78
CA VAL A 96 13.72 -0.12 12.56
C VAL A 96 15.21 0.08 12.84
N SER A 97 15.55 0.90 13.85
CA SER A 97 16.95 1.11 14.15
C SER A 97 17.69 -0.21 14.38
N SER A 98 17.14 -1.05 15.26
CA SER A 98 17.81 -2.30 15.63
C SER A 98 17.53 -3.47 14.69
N GLY A 99 16.49 -3.39 13.86
CA GLY A 99 16.10 -4.54 13.08
C GLY A 99 15.46 -5.67 13.85
N LYS A 100 15.19 -5.48 15.15
CA LYS A 100 14.66 -6.55 15.99
C LYS A 100 13.15 -6.64 15.92
N CYS A 101 12.64 -7.87 15.97
CA CYS A 101 11.20 -8.08 16.07
C CYS A 101 10.74 -7.83 17.49
N LEU A 102 9.90 -6.81 17.66
CA LEU A 102 9.36 -6.48 18.97
C LEU A 102 8.16 -7.35 19.28
N LYS A 103 7.31 -7.59 18.28
CA LYS A 103 6.11 -8.36 18.58
C LYS A 103 5.70 -9.18 17.37
N THR A 104 5.13 -10.35 17.62
CA THR A 104 4.44 -11.11 16.58
C THR A 104 2.95 -11.12 16.87
N LEU A 105 2.16 -10.65 15.90
CA LEU A 105 0.72 -10.46 16.02
C LEU A 105 0.11 -11.71 15.41
N LYS A 106 -0.41 -12.57 16.28
CA LYS A 106 -0.93 -13.89 15.93
C LYS A 106 -2.44 -13.89 16.06
N GLY A 107 -3.11 -14.47 15.06
CA GLY A 107 -4.55 -14.59 15.14
C GLY A 107 -5.23 -14.82 13.81
N HIS A 108 -4.68 -14.29 12.73
CA HIS A 108 -5.23 -14.59 11.43
C HIS A 108 -5.03 -16.07 11.14
N SER A 109 -5.93 -16.65 10.35
CA SER A 109 -5.90 -18.07 10.03
C SER A 109 -5.46 -18.33 8.60
N ASN A 110 -4.97 -17.31 7.90
CA ASN A 110 -4.46 -17.49 6.54
C ASN A 110 -3.51 -16.35 6.26
N TYR A 111 -3.01 -16.26 5.03
CA TYR A 111 -1.99 -15.29 4.69
C TYR A 111 -2.48 -13.92 5.17
N VAL A 112 -1.59 -13.11 5.74
CA VAL A 112 -1.92 -11.72 6.02
C VAL A 112 -1.43 -10.91 4.83
N PHE A 113 -2.33 -10.13 4.24
CA PHE A 113 -2.04 -9.54 2.95
C PHE A 113 -1.72 -8.05 3.04
N CYS A 114 -2.31 -7.33 4.00
CA CYS A 114 -2.21 -5.89 4.04
C CYS A 114 -2.19 -5.40 5.49
N CYS A 115 -1.55 -4.25 5.72
CA CYS A 115 -1.43 -3.70 7.06
C CYS A 115 -1.14 -2.20 7.02
N ASN A 116 -1.44 -1.55 8.15
CA ASN A 116 -1.17 -0.13 8.36
C ASN A 116 -1.30 0.20 9.83
N PHE A 117 -0.55 1.23 10.26
CA PHE A 117 -0.73 1.83 11.57
C PHE A 117 -1.81 2.91 11.47
N ASN A 118 -2.46 3.21 12.59
CA ASN A 118 -3.26 4.43 12.60
C ASN A 118 -2.30 5.61 12.82
N PRO A 119 -2.75 6.84 12.55
CA PRO A 119 -1.86 7.99 12.74
C PRO A 119 -1.33 8.11 14.15
N GLN A 120 -2.14 7.75 15.14
CA GLN A 120 -1.63 7.80 16.51
C GLN A 120 -0.57 6.72 16.70
N SER A 121 -0.71 5.62 15.96
CA SER A 121 0.25 4.52 15.87
C SER A 121 0.20 3.67 17.12
N ASN A 122 -0.89 3.80 17.86
CA ASN A 122 -1.29 2.89 18.93
C ASN A 122 -2.07 1.69 18.44
N LEU A 123 -2.53 1.69 17.19
CA LEU A 123 -3.23 0.55 16.62
C LEU A 123 -2.60 0.16 15.29
N ILE A 124 -2.67 -1.14 14.99
CA ILE A 124 -2.40 -1.65 13.64
C ILE A 124 -3.69 -2.27 13.11
N VAL A 125 -3.98 -2.03 11.83
CA VAL A 125 -5.05 -2.74 11.14
C VAL A 125 -4.44 -3.68 10.13
N SER A 126 -5.03 -4.87 10.00
CA SER A 126 -4.58 -5.87 9.04
C SER A 126 -5.78 -6.46 8.31
N GLY A 127 -5.53 -6.92 7.09
CA GLY A 127 -6.51 -7.68 6.35
C GLY A 127 -5.86 -8.96 5.82
N SER A 128 -6.69 -9.99 5.71
CA SER A 128 -6.16 -11.32 5.44
C SER A 128 -7.00 -12.09 4.43
N PHE A 129 -6.36 -13.09 3.83
CA PHE A 129 -7.07 -14.10 3.04
C PHE A 129 -8.10 -14.84 3.88
N ASP A 130 -8.00 -14.78 5.20
CA ASP A 130 -9.04 -15.41 5.99
C ASP A 130 -10.33 -14.58 5.95
N GLU A 131 -10.35 -13.48 5.20
CA GLU A 131 -11.56 -12.70 4.89
C GLU A 131 -11.93 -11.78 6.03
N SER A 132 -11.09 -11.69 7.04
CA SER A 132 -11.35 -10.82 8.18
C SER A 132 -10.45 -9.60 8.16
N VAL A 133 -10.89 -8.59 8.90
CA VAL A 133 -10.06 -7.44 9.20
C VAL A 133 -9.80 -7.48 10.70
N ARG A 134 -8.56 -7.28 11.08
CA ARG A 134 -8.23 -7.32 12.52
C ARG A 134 -7.60 -6.00 12.96
N ILE A 135 -7.91 -5.59 14.17
CA ILE A 135 -7.40 -4.39 14.81
C ILE A 135 -6.62 -4.84 16.04
N TRP A 136 -5.37 -4.40 16.14
CA TRP A 136 -4.41 -4.87 17.12
C TRP A 136 -3.88 -3.70 17.94
N ASP A 137 -3.66 -3.98 19.24
CA ASP A 137 -2.98 -3.04 20.13
C ASP A 137 -1.48 -3.12 19.94
N VAL A 138 -0.87 -1.98 19.64
CA VAL A 138 0.56 -1.96 19.38
C VAL A 138 1.33 -2.32 20.65
N LYS A 139 0.92 -1.75 21.78
CA LYS A 139 1.67 -1.90 23.03
C LYS A 139 1.74 -3.34 23.50
N THR A 140 0.60 -4.04 23.47
CA THR A 140 0.51 -5.40 23.98
C THR A 140 0.58 -6.47 22.91
N GLY A 141 0.29 -6.12 21.66
CA GLY A 141 0.17 -7.10 20.61
C GLY A 141 -1.16 -7.84 20.61
N LYS A 142 -2.08 -7.42 21.47
CA LYS A 142 -3.38 -8.08 21.58
C LYS A 142 -4.26 -7.70 20.39
N CYS A 143 -5.00 -8.68 19.90
CA CYS A 143 -6.02 -8.42 18.90
C CYS A 143 -7.21 -7.81 19.63
N LEU A 144 -7.53 -6.57 19.29
CA LEU A 144 -8.65 -5.90 19.93
C LEU A 144 -9.95 -6.29 19.25
N LYS A 145 -9.94 -6.38 17.92
CA LYS A 145 -11.20 -6.69 17.26
C LYS A 145 -10.92 -7.54 16.03
N THR A 146 -11.84 -8.45 15.75
CA THR A 146 -11.87 -9.19 14.48
C THR A 146 -13.21 -8.88 13.81
N LEU A 147 -13.16 -8.28 12.66
CA LEU A 147 -14.33 -7.89 11.90
C LEU A 147 -14.57 -8.89 10.77
N PRO A 148 -15.79 -9.44 10.67
CA PRO A 148 -16.12 -10.35 9.57
C PRO A 148 -16.43 -9.49 8.35
N ALA A 149 -15.38 -8.88 7.82
CA ALA A 149 -15.55 -7.69 7.00
C ALA A 149 -16.01 -8.06 5.60
N HIS A 150 -15.60 -9.21 5.10
CA HIS A 150 -15.74 -9.55 3.70
C HIS A 150 -16.01 -11.04 3.59
N SER A 151 -16.35 -11.47 2.38
CA SER A 151 -16.65 -12.86 2.08
C SER A 151 -15.65 -13.41 1.07
N ASP A 152 -14.52 -12.73 0.96
CA ASP A 152 -13.39 -13.17 0.15
C ASP A 152 -12.16 -12.45 0.68
N PRO A 153 -10.97 -12.78 0.19
CA PRO A 153 -9.76 -12.16 0.76
C PRO A 153 -9.79 -10.63 0.76
N VAL A 154 -9.23 -10.06 1.83
CA VAL A 154 -9.12 -8.61 2.00
C VAL A 154 -7.84 -8.12 1.34
N SER A 155 -7.99 -7.20 0.39
CA SER A 155 -6.88 -6.74 -0.44
C SER A 155 -6.16 -5.51 0.11
N ALA A 156 -6.84 -4.68 0.91
CA ALA A 156 -6.24 -3.48 1.46
C ALA A 156 -7.00 -3.06 2.71
N VAL A 157 -6.27 -2.38 3.61
CA VAL A 157 -6.84 -1.78 4.81
C VAL A 157 -6.08 -0.48 5.05
N HIS A 158 -6.80 0.56 5.45
CA HIS A 158 -6.14 1.86 5.59
C HIS A 158 -6.93 2.70 6.59
N PHE A 159 -6.20 3.43 7.43
CA PHE A 159 -6.85 4.36 8.35
C PHE A 159 -6.99 5.72 7.66
N ASN A 160 -8.01 6.45 8.06
CA ASN A 160 -8.15 7.83 7.63
C ASN A 160 -7.24 8.72 8.49
N ARG A 161 -7.28 10.02 8.21
CA ARG A 161 -6.28 10.93 8.75
C ARG A 161 -6.34 11.10 10.26
N ASP A 162 -7.52 10.98 10.87
CA ASP A 162 -7.61 11.06 12.33
C ASP A 162 -7.65 9.70 13.00
N GLY A 163 -7.56 8.62 12.23
CA GLY A 163 -7.58 7.29 12.81
C GLY A 163 -8.95 6.79 13.18
N SER A 164 -9.99 7.61 13.01
CA SER A 164 -11.30 7.24 13.48
C SER A 164 -12.00 6.28 12.53
N LEU A 165 -11.55 6.19 11.28
CA LEU A 165 -12.16 5.32 10.28
C LEU A 165 -11.12 4.40 9.66
N ILE A 166 -11.59 3.21 9.27
CA ILE A 166 -10.81 2.27 8.47
C ILE A 166 -11.59 1.97 7.19
N VAL A 167 -10.91 2.02 6.06
CA VAL A 167 -11.49 1.54 4.81
C VAL A 167 -10.86 0.19 4.48
N SER A 168 -11.67 -0.75 4.03
CA SER A 168 -11.20 -2.06 3.61
C SER A 168 -11.77 -2.35 2.24
N SER A 169 -11.06 -3.22 1.51
CA SER A 169 -11.52 -3.67 0.20
C SER A 169 -11.29 -5.16 0.10
N SER A 170 -11.95 -5.78 -0.86
CA SER A 170 -11.87 -7.22 -0.99
C SER A 170 -12.19 -7.67 -2.39
N TYR A 171 -11.72 -8.88 -2.72
CA TYR A 171 -12.16 -9.56 -3.93
C TYR A 171 -13.66 -9.82 -3.95
N ASP A 172 -14.37 -9.68 -2.82
CA ASP A 172 -15.82 -9.83 -2.86
C ASP A 172 -16.50 -8.69 -3.61
N GLY A 173 -15.77 -7.64 -4.00
CA GLY A 173 -16.33 -6.51 -4.73
C GLY A 173 -16.73 -5.31 -3.91
N LEU A 174 -16.57 -5.36 -2.59
CA LEU A 174 -17.00 -4.29 -1.70
C LEU A 174 -15.85 -3.41 -1.24
N CYS A 175 -16.20 -2.18 -0.91
CA CYS A 175 -15.36 -1.28 -0.13
C CYS A 175 -16.17 -0.92 1.10
N ARG A 176 -15.63 -1.12 2.29
CA ARG A 176 -16.43 -0.83 3.47
C ARG A 176 -15.65 0.17 4.30
N ILE A 177 -16.41 1.00 5.01
CA ILE A 177 -15.85 1.99 5.91
C ILE A 177 -16.34 1.62 7.30
N TRP A 178 -15.40 1.54 8.23
CA TRP A 178 -15.58 1.05 9.58
C TRP A 178 -15.28 2.15 10.58
N ASP A 179 -16.06 2.20 11.65
CA ASP A 179 -15.73 3.02 12.81
C ASP A 179 -14.67 2.25 13.60
N THR A 180 -13.49 2.83 13.76
CA THR A 180 -12.42 2.11 14.45
C THR A 180 -12.86 1.72 15.85
N ALA A 181 -13.48 2.66 16.57
CA ALA A 181 -13.72 2.48 18.00
C ALA A 181 -14.75 1.39 18.25
N SER A 182 -15.77 1.28 17.38
CA SER A 182 -16.85 0.34 17.60
C SER A 182 -16.76 -0.90 16.71
N GLY A 183 -15.98 -0.88 15.65
CA GLY A 183 -15.98 -2.01 14.74
C GLY A 183 -17.16 -2.12 13.81
N GLN A 184 -18.09 -1.18 13.83
CA GLN A 184 -19.27 -1.31 13.00
C GLN A 184 -19.03 -0.75 11.61
N CYS A 185 -19.67 -1.36 10.63
CA CYS A 185 -19.55 -0.89 9.23
C CYS A 185 -20.39 0.37 9.09
N LEU A 186 -19.74 1.50 8.84
CA LEU A 186 -20.47 2.77 8.65
C LEU A 186 -21.04 2.82 7.23
N LYS A 187 -20.42 2.14 6.28
CA LYS A 187 -20.89 2.26 4.87
C LYS A 187 -20.28 1.23 3.91
N THR A 188 -21.18 0.63 3.05
CA THR A 188 -20.68 -0.30 2.02
C THR A 188 -20.77 0.33 0.63
N LEU A 189 -19.58 0.70 0.03
CA LEU A 189 -19.53 1.24 -1.32
C LEU A 189 -19.64 0.01 -2.26
N ILE A 190 -20.77 -0.08 -2.98
CA ILE A 190 -20.98 -1.17 -4.00
C ILE A 190 -21.27 -0.49 -5.35
N ASP A 191 -20.73 -1.01 -6.45
CA ASP A 191 -20.89 -0.36 -7.78
C ASP A 191 -21.01 -1.37 -8.92
N ASP A 192 -21.96 -1.17 -9.84
CA ASP A 192 -22.06 -2.02 -11.05
C ASP A 192 -22.04 -3.52 -10.74
N ASP A 193 -21.36 -4.31 -11.56
CA ASP A 193 -21.34 -5.80 -11.40
C ASP A 193 -20.33 -6.15 -10.30
N ASN A 194 -19.76 -5.14 -9.66
CA ASN A 194 -18.80 -5.34 -8.53
C ASN A 194 -17.66 -6.30 -8.88
N PRO A 195 -16.65 -5.88 -9.67
CA PRO A 195 -15.46 -6.70 -9.88
C PRO A 195 -14.66 -6.69 -8.58
N PRO A 196 -13.70 -7.58 -8.42
CA PRO A 196 -12.81 -7.46 -7.26
C PRO A 196 -12.24 -6.06 -7.09
N VAL A 197 -12.21 -5.62 -5.83
CA VAL A 197 -11.55 -4.40 -5.41
C VAL A 197 -10.18 -4.83 -4.87
N SER A 198 -9.13 -4.43 -5.57
CA SER A 198 -7.78 -4.95 -5.35
C SER A 198 -6.94 -4.00 -4.51
N PHE A 199 -7.40 -2.78 -4.30
CA PHE A 199 -6.70 -1.80 -3.48
C PHE A 199 -7.65 -0.69 -3.10
N VAL A 200 -7.50 -0.18 -1.88
CA VAL A 200 -8.20 1.03 -1.47
C VAL A 200 -7.31 1.79 -0.49
N LYS A 201 -7.47 3.11 -0.47
CA LYS A 201 -6.94 3.96 0.59
C LYS A 201 -7.71 5.27 0.63
N PHE A 202 -7.66 5.92 1.79
CA PHE A 202 -8.19 7.27 1.93
C PHE A 202 -7.29 8.30 1.25
N SER A 203 -7.93 9.38 0.77
CA SER A 203 -7.20 10.54 0.32
C SER A 203 -6.50 11.23 1.50
N PRO A 204 -5.52 12.08 1.22
CA PRO A 204 -4.78 12.73 2.32
C PRO A 204 -5.70 13.49 3.27
N ASN A 205 -6.76 14.10 2.77
CA ASN A 205 -7.71 14.85 3.57
C ASN A 205 -8.84 14.01 4.18
N GLY A 206 -8.91 12.72 3.87
CA GLY A 206 -9.86 11.83 4.49
C GLY A 206 -11.27 11.84 3.92
N LYS A 207 -11.55 12.69 2.93
CA LYS A 207 -12.90 12.80 2.41
C LYS A 207 -13.20 11.80 1.31
N TYR A 208 -12.17 11.30 0.65
CA TYR A 208 -12.34 10.44 -0.50
C TYR A 208 -11.65 9.10 -0.28
N ILE A 209 -12.09 8.14 -1.08
CA ILE A 209 -11.50 6.82 -1.14
C ILE A 209 -11.08 6.55 -2.57
N LEU A 210 -9.80 6.19 -2.76
CA LEU A 210 -9.27 5.79 -4.04
C LEU A 210 -9.31 4.27 -4.05
N ALA A 211 -9.92 3.69 -5.07
CA ALA A 211 -10.15 2.25 -5.11
C ALA A 211 -9.76 1.73 -6.48
N ALA A 212 -9.02 0.63 -6.49
CA ALA A 212 -8.70 -0.04 -7.74
C ALA A 212 -9.57 -1.28 -7.84
N THR A 213 -10.03 -1.57 -9.06
CA THR A 213 -10.74 -2.81 -9.35
C THR A 213 -10.01 -3.55 -10.46
N LEU A 214 -10.19 -4.87 -10.48
CA LEU A 214 -9.49 -5.72 -11.43
C LEU A 214 -10.17 -5.70 -12.78
N ASP A 215 -10.39 -4.50 -13.28
CA ASP A 215 -10.90 -4.23 -14.62
C ASP A 215 -10.23 -2.98 -15.16
N ASN A 216 -8.96 -2.77 -14.76
CA ASN A 216 -8.13 -1.70 -15.31
C ASN A 216 -8.72 -0.34 -14.97
N THR A 217 -9.15 -0.19 -13.72
CA THR A 217 -9.84 1.02 -13.31
C THR A 217 -9.46 1.42 -11.90
N LEU A 218 -9.18 2.70 -11.74
CA LEU A 218 -9.11 3.34 -10.44
C LEU A 218 -10.28 4.32 -10.39
N LYS A 219 -10.85 4.48 -9.20
CA LYS A 219 -11.96 5.41 -9.05
C LYS A 219 -11.76 6.17 -7.75
N LEU A 220 -12.09 7.46 -7.78
CA LEU A 220 -12.15 8.29 -6.58
C LEU A 220 -13.59 8.50 -6.19
N TRP A 221 -13.84 8.06 -4.91
CA TRP A 221 -15.21 8.09 -4.37
C TRP A 221 -15.36 8.99 -3.16
N ASP A 222 -16.48 9.79 -3.14
CA ASP A 222 -16.80 10.43 -1.87
C ASP A 222 -17.52 9.33 -1.09
N TYR A 223 -16.90 8.81 -0.02
CA TYR A 223 -17.54 7.72 0.72
C TYR A 223 -18.88 8.18 1.31
N SER A 224 -18.88 9.36 1.94
CA SER A 224 -20.05 9.84 2.68
C SER A 224 -21.24 9.97 1.75
N LYS A 225 -21.02 10.51 0.55
CA LYS A 225 -22.09 10.75 -0.38
C LYS A 225 -22.36 9.53 -1.22
N GLY A 226 -21.45 8.56 -1.19
CA GLY A 226 -21.61 7.35 -1.96
C GLY A 226 -21.52 7.56 -3.46
N LYS A 227 -20.77 8.56 -3.92
CA LYS A 227 -20.75 8.90 -5.33
C LYS A 227 -19.33 8.86 -5.84
N CYS A 228 -19.18 8.42 -7.09
CA CYS A 228 -17.89 8.37 -7.75
C CYS A 228 -17.56 9.75 -8.30
N LEU A 229 -16.40 10.29 -7.95
CA LEU A 229 -16.02 11.61 -8.45
C LEU A 229 -15.10 11.54 -9.65
N LYS A 230 -14.21 10.55 -9.73
CA LYS A 230 -13.24 10.55 -10.81
C LYS A 230 -12.94 9.11 -11.18
N THR A 231 -12.64 8.89 -12.45
CA THR A 231 -12.20 7.57 -12.89
C THR A 231 -10.91 7.72 -13.67
N TYR A 232 -9.95 6.86 -13.38
CA TYR A 232 -8.63 6.88 -14.00
C TYR A 232 -8.47 5.55 -14.69
N THR A 233 -8.14 5.61 -15.98
CA THR A 233 -8.07 4.44 -16.83
C THR A 233 -6.86 4.58 -17.74
N GLY A 234 -6.58 3.52 -18.48
CA GLY A 234 -5.52 3.49 -19.47
C GLY A 234 -4.40 2.53 -19.12
N HIS A 235 -4.34 2.10 -17.86
CA HIS A 235 -3.35 1.15 -17.40
C HIS A 235 -3.91 -0.27 -17.45
N LYS A 236 -3.08 -1.23 -17.03
CA LYS A 236 -3.44 -2.64 -16.99
C LYS A 236 -3.45 -3.13 -15.55
N ASN A 237 -4.62 -3.59 -15.10
CA ASN A 237 -4.72 -4.16 -13.76
C ASN A 237 -5.93 -5.11 -13.78
N GLU A 238 -5.68 -6.38 -14.08
CA GLU A 238 -6.73 -7.39 -14.08
C GLU A 238 -6.39 -8.58 -13.19
N LYS A 239 -5.20 -8.60 -12.59
CA LYS A 239 -4.75 -9.75 -11.83
C LYS A 239 -4.24 -9.41 -10.44
N TYR A 240 -3.37 -8.41 -10.32
CA TYR A 240 -2.64 -8.17 -9.08
C TYR A 240 -3.24 -7.05 -8.24
N CYS A 241 -2.98 -7.12 -6.94
CA CYS A 241 -3.35 -6.08 -5.97
C CYS A 241 -2.27 -5.00 -5.96
N ILE A 242 -2.37 -4.10 -6.94
CA ILE A 242 -1.39 -3.05 -7.18
C ILE A 242 -1.71 -1.83 -6.30
N PHE A 243 -0.72 -1.35 -5.55
CA PHE A 243 -0.92 -0.14 -4.75
C PHE A 243 -1.21 1.05 -5.67
N ALA A 244 -1.92 2.05 -5.11
CA ALA A 244 -2.06 3.35 -5.75
C ALA A 244 -1.85 4.46 -4.72
N ASN A 245 -1.45 5.63 -5.21
CA ASN A 245 -1.08 6.77 -4.37
C ASN A 245 -1.68 8.09 -4.84
N PHE A 246 -1.87 8.98 -3.86
CA PHE A 246 -2.05 10.40 -4.10
C PHE A 246 -0.70 11.11 -4.01
N SER A 247 -0.26 11.73 -5.09
CA SER A 247 0.95 12.54 -5.05
C SER A 247 0.56 14.00 -4.81
N VAL A 248 1.08 14.60 -3.74
CA VAL A 248 0.64 15.92 -3.29
C VAL A 248 1.78 16.90 -3.07
N THR A 249 3.05 16.49 -3.27
CA THR A 249 4.17 17.40 -2.97
C THR A 249 4.34 18.48 -4.03
N GLY A 250 3.96 18.20 -5.27
CA GLY A 250 4.01 19.15 -6.35
C GLY A 250 2.66 19.16 -7.02
N GLY A 251 2.59 18.82 -8.30
CA GLY A 251 1.31 18.68 -8.95
C GLY A 251 0.50 17.60 -8.26
N LYS A 252 -0.82 17.76 -8.27
CA LYS A 252 -1.70 16.84 -7.54
C LYS A 252 -2.00 15.70 -8.50
N TRP A 253 -1.30 14.57 -8.32
CA TRP A 253 -1.38 13.43 -9.22
C TRP A 253 -1.98 12.22 -8.54
N ILE A 254 -2.42 11.26 -9.36
CA ILE A 254 -2.65 9.88 -8.96
C ILE A 254 -1.53 9.03 -9.56
N VAL A 255 -0.99 8.10 -8.77
CA VAL A 255 0.11 7.26 -9.20
C VAL A 255 -0.29 5.80 -9.02
N SER A 256 0.08 4.96 -9.98
CA SER A 256 -0.16 3.53 -9.82
C SER A 256 0.84 2.75 -10.66
N GLY A 257 1.19 1.55 -10.19
CA GLY A 257 1.83 0.57 -11.04
C GLY A 257 0.84 -0.03 -12.02
N SER A 258 1.34 -0.97 -12.83
CA SER A 258 0.55 -1.52 -13.92
C SER A 258 1.17 -2.84 -14.35
N GLU A 259 0.33 -3.71 -14.91
CA GLU A 259 0.74 -5.03 -15.36
C GLU A 259 1.42 -4.99 -16.73
N ASP A 260 1.56 -3.81 -17.34
CA ASP A 260 2.37 -3.62 -18.53
C ASP A 260 3.75 -3.05 -18.20
N ASN A 261 4.16 -3.13 -16.95
CA ASN A 261 5.52 -2.83 -16.45
C ASN A 261 5.80 -1.34 -16.35
N LEU A 262 4.79 -0.50 -16.41
CA LEU A 262 4.94 0.94 -16.36
C LEU A 262 4.40 1.51 -15.07
N VAL A 263 4.93 2.66 -14.67
CA VAL A 263 4.28 3.49 -13.67
C VAL A 263 3.40 4.50 -14.39
N TYR A 264 2.13 4.59 -14.00
CA TYR A 264 1.23 5.58 -14.57
C TYR A 264 1.04 6.73 -13.59
N ILE A 265 0.98 7.94 -14.14
CA ILE A 265 0.71 9.16 -13.39
C ILE A 265 -0.38 9.89 -14.15
N TRP A 266 -1.46 10.21 -13.42
CA TRP A 266 -2.60 10.91 -13.94
C TRP A 266 -2.73 12.25 -13.22
N ASN A 267 -3.27 13.22 -13.93
CA ASN A 267 -3.76 14.45 -13.30
C ASN A 267 -4.99 14.12 -12.47
N LEU A 268 -4.93 14.41 -11.18
CA LEU A 268 -6.03 14.05 -10.29
C LEU A 268 -7.33 14.67 -10.74
N GLN A 269 -7.27 15.93 -11.18
CA GLN A 269 -8.48 16.66 -11.52
C GLN A 269 -9.02 16.29 -12.89
N THR A 270 -8.17 16.23 -13.91
CA THR A 270 -8.63 16.04 -15.28
C THR A 270 -8.73 14.57 -15.69
N LYS A 271 -8.07 13.68 -14.95
CA LYS A 271 -8.04 12.24 -15.18
C LYS A 271 -7.19 11.91 -16.39
N GLU A 272 -6.60 12.90 -17.04
CA GLU A 272 -5.71 12.63 -18.16
C GLU A 272 -4.43 12.04 -17.61
N ILE A 273 -3.87 11.09 -18.35
CA ILE A 273 -2.53 10.62 -18.07
C ILE A 273 -1.53 11.73 -18.36
N VAL A 274 -0.67 12.02 -17.39
CA VAL A 274 0.33 13.06 -17.55
C VAL A 274 1.74 12.47 -17.66
N GLN A 275 1.95 11.23 -17.21
CA GLN A 275 3.27 10.64 -17.43
C GLN A 275 3.23 9.12 -17.30
N LYS A 276 4.11 8.46 -18.06
CA LYS A 276 4.34 7.03 -17.95
C LYS A 276 5.82 6.74 -17.80
N LEU A 277 6.18 6.05 -16.72
CA LEU A 277 7.57 5.78 -16.39
C LEU A 277 7.93 4.36 -16.83
N GLN A 278 8.93 4.26 -17.71
CA GLN A 278 9.35 2.99 -18.31
C GLN A 278 10.69 2.58 -17.72
N GLY A 279 10.84 1.29 -17.45
CA GLY A 279 12.11 0.78 -16.97
C GLY A 279 12.01 -0.57 -16.31
N HIS A 280 10.92 -0.81 -15.60
CA HIS A 280 10.73 -2.12 -14.99
C HIS A 280 10.50 -3.17 -16.07
N THR A 281 10.83 -4.41 -15.74
CA THR A 281 10.68 -5.54 -16.65
C THR A 281 9.70 -6.59 -16.09
N ASP A 282 8.86 -6.20 -15.15
CA ASP A 282 7.76 -7.05 -14.71
C ASP A 282 6.67 -6.14 -14.16
N VAL A 283 5.57 -6.77 -13.73
CA VAL A 283 4.45 -6.01 -13.21
C VAL A 283 4.98 -5.08 -12.13
N VAL A 284 4.56 -3.82 -12.18
CA VAL A 284 4.89 -2.88 -11.13
C VAL A 284 3.78 -3.04 -10.10
N ILE A 285 4.12 -3.73 -9.02
CA ILE A 285 3.16 -4.14 -8.01
C ILE A 285 2.93 -3.06 -6.98
N SER A 286 3.87 -2.14 -6.84
CA SER A 286 3.80 -1.16 -5.77
C SER A 286 4.48 0.13 -6.17
N THR A 287 3.86 1.23 -5.76
CA THR A 287 4.41 2.56 -5.89
C THR A 287 4.20 3.27 -4.57
N ALA A 288 5.04 4.26 -4.30
CA ALA A 288 4.93 5.08 -3.10
C ALA A 288 5.39 6.49 -3.45
N CYS A 289 4.80 7.47 -2.76
CA CYS A 289 5.10 8.88 -2.97
C CYS A 289 5.75 9.44 -1.72
N HIS A 290 6.89 10.11 -1.90
CA HIS A 290 7.65 10.65 -0.78
C HIS A 290 6.81 11.72 -0.08
N PRO A 291 6.92 11.85 1.24
CA PRO A 291 5.98 12.75 1.96
C PRO A 291 6.23 14.25 1.77
N THR A 292 7.43 14.67 1.38
CA THR A 292 7.71 16.10 1.22
C THR A 292 8.36 16.44 -0.11
N GLU A 293 9.06 15.48 -0.71
CA GLU A 293 9.74 15.70 -1.98
C GLU A 293 8.97 15.02 -3.10
N ASN A 294 9.20 15.50 -4.32
CA ASN A 294 8.56 14.95 -5.52
C ASN A 294 9.37 13.72 -5.90
N ILE A 295 9.16 12.65 -5.13
CA ILE A 295 9.95 11.42 -5.30
C ILE A 295 8.97 10.24 -5.31
N ILE A 296 9.15 9.36 -6.29
CA ILE A 296 8.37 8.14 -6.39
C ILE A 296 9.27 6.92 -6.23
N ALA A 297 8.78 5.94 -5.48
CA ALA A 297 9.38 4.61 -5.46
C ALA A 297 8.45 3.66 -6.21
N SER A 298 9.04 2.75 -6.99
CA SER A 298 8.28 1.75 -7.71
C SER A 298 8.99 0.42 -7.50
N ALA A 299 8.24 -0.67 -7.53
CA ALA A 299 8.81 -1.99 -7.30
C ALA A 299 8.10 -3.00 -8.18
N ALA A 300 8.81 -4.06 -8.54
CA ALA A 300 8.30 -4.99 -9.54
C ALA A 300 8.41 -6.44 -9.10
N LEU A 301 7.71 -7.28 -9.85
CA LEU A 301 7.60 -8.71 -9.53
C LEU A 301 8.80 -9.58 -10.01
N GLU A 302 8.69 -10.90 -9.88
CA GLU A 302 9.83 -11.85 -10.05
C GLU A 302 10.79 -11.67 -11.21
N ASN A 303 10.34 -11.20 -12.35
CA ASN A 303 11.28 -11.12 -13.51
C ASN A 303 12.08 -9.82 -13.40
N ASP A 304 11.79 -8.99 -12.40
CA ASP A 304 12.48 -7.73 -12.20
C ASP A 304 13.13 -7.67 -10.83
N LYS A 305 12.35 -7.67 -9.76
CA LYS A 305 12.84 -7.76 -8.39
C LYS A 305 13.56 -6.50 -7.95
N THR A 306 13.46 -5.41 -8.71
CA THR A 306 14.15 -4.19 -8.31
C THR A 306 13.16 -3.14 -7.85
N ILE A 307 13.72 -2.15 -7.15
CA ILE A 307 13.00 -0.95 -6.74
C ILE A 307 13.65 0.20 -7.50
N LYS A 308 12.84 1.11 -8.02
CA LYS A 308 13.35 2.26 -8.75
C LYS A 308 12.86 3.52 -8.03
N LEU A 309 13.75 4.51 -7.93
CA LEU A 309 13.46 5.82 -7.37
C LEU A 309 13.48 6.88 -8.48
N TRP A 310 12.44 7.71 -8.53
CA TRP A 310 12.25 8.68 -9.60
C TRP A 310 12.06 10.07 -8.98
N LYS A 311 12.58 11.10 -9.66
CA LYS A 311 12.52 12.48 -9.18
C LYS A 311 11.99 13.42 -10.26
N SER A 312 11.09 14.30 -9.85
CA SER A 312 10.51 15.35 -10.67
C SER A 312 10.79 16.73 -10.09
N ASP A 313 10.78 17.75 -10.95
CA ASP A 313 10.87 19.11 -10.44
C ASP A 313 9.54 19.61 -9.90
N CYS A 314 8.44 18.89 -10.14
CA CYS A 314 7.11 19.35 -9.77
C CYS A 314 6.16 18.17 -9.63
N SER B 1 10.35 -19.35 -2.35
CA SER B 1 9.40 -18.67 -1.43
C SER B 1 8.36 -17.96 -2.28
N SER B 2 7.39 -17.34 -1.62
CA SER B 2 6.37 -16.60 -2.34
C SER B 2 5.69 -15.66 -1.37
N SER B 3 5.03 -14.65 -1.92
CA SER B 3 4.08 -13.85 -1.18
C SER B 3 2.77 -13.89 -1.94
N ARG B 4 1.67 -13.86 -1.21
CA ARG B 4 0.36 -13.86 -1.84
C ARG B 4 0.18 -12.67 -2.77
N ARG B 5 0.80 -11.52 -2.46
CA ARG B 5 0.62 -10.36 -3.33
C ARG B 5 1.39 -10.50 -4.64
N SER B 6 2.52 -11.21 -4.63
CA SER B 6 3.33 -11.36 -5.83
C SER B 6 2.97 -12.59 -6.65
N SER B 7 1.94 -13.30 -6.20
CA SER B 7 1.44 -14.45 -6.92
C SER B 7 0.11 -14.03 -7.52
#